data_7E2U
#
_entry.id   7E2U
#
_cell.length_a   32.522
_cell.length_b   64.601
_cell.length_c   106.892
_cell.angle_alpha   90.000
_cell.angle_beta   90.000
_cell.angle_gamma   90.000
#
_symmetry.space_group_name_H-M   'P 21 21 21'
#
loop_
_entity.id
_entity.type
_entity.pdbx_description
1 polymer 'Ycf53-like protein'
2 non-polymer '3-[5-[(~{Z})-(4-ethenyl-3-methyl-5-oxidanylidene-pyrrol-2-ylidene)methyl]-2-[(~{Z})-[5-[(~{Z})-[(4~{R})-3-ethyl-4-methyl-5-oxidanylidene-pyrrolidin-2-ylidene]methyl]-3-(3-hydroxy-3-oxopropyl)-4-methyl-pyrrol-2-ylidene]methyl]-4-methyl-1~{H}-pyrrol-3-yl]propanoic acid'
3 non-polymer GLYCEROL
4 non-polymer 2-AMINO-2-HYDROXYMETHYL-PROPANE-1,3-DIOL
5 non-polymer 'CHLORIDE ION'
6 water water
#
_entity_poly.entity_id   1
_entity_poly.type   'polypeptide(L)'
_entity_poly.pdbx_seq_one_letter_code
;MSDNLTELSQQLHDASEKKQLTAIAALAEMGEGGQGILLDYLAKNVPLEKPVLAVGNVYQTLRNLEQETITTQLQRNYPT
GIFPLQSAQGIDYLPLQEALGSQDFETADEITRDKLCELAGPGASQRQWLYFTEVEKFPALDLHTINALWWLHSNGNFGF
SVQRRLWLASGKEFTKLWPKIGWKSGNVWTRWPKGFTWDLSAPQGHLPLLNQLRGVRVAESLYRHPVWSQYGW
;
_entity_poly.pdbx_strand_id   A
#
loop_
_chem_comp.id
_chem_comp.type
_chem_comp.name
_chem_comp.formula
CL non-polymer 'CHLORIDE ION' 'Cl -1'
GOL non-polymer GLYCEROL 'C3 H8 O3'
TRS non-polymer 2-AMINO-2-HYDROXYMETHYL-PROPANE-1,3-DIOL 'C4 H12 N O3 1'
UPB non-polymer '3-[5-[(~{Z})-(4-ethenyl-3-methyl-5-oxidanylidene-pyrrol-2-ylidene)methyl]-2-[(~{Z})-[5-[(~{Z})-[(4~{R})-3-ethyl-4-methyl-5-oxidanylidene-pyrrolidin-2-ylidene]methyl]-3-(3-hydroxy-3-oxopropyl)-4-methyl-pyrrol-2-ylidene]methyl]-4-methyl-1~{H}-pyrrol-3-yl]propanoic acid' 'C33 H36 N4 O6'
#
# COMPACT_ATOMS: atom_id res chain seq x y z
N ASN A 4 21.81 16.16 15.12
CA ASN A 4 21.77 15.71 16.51
C ASN A 4 20.95 14.43 16.57
N LEU A 5 21.64 13.29 16.73
CA LEU A 5 20.94 12.01 16.76
C LEU A 5 19.99 11.92 17.95
N THR A 6 20.39 12.44 19.11
CA THR A 6 19.52 12.36 20.29
C THR A 6 18.21 13.07 20.03
N GLU A 7 18.28 14.30 19.52
CA GLU A 7 17.06 15.07 19.29
C GLU A 7 16.23 14.46 18.17
N LEU A 8 16.88 13.90 17.14
CA LEU A 8 16.10 13.28 16.07
C LEU A 8 15.46 11.98 16.54
N SER A 9 16.14 11.22 17.39
CA SER A 9 15.51 10.03 17.94
C SER A 9 14.30 10.42 18.81
N GLN A 10 14.44 11.47 19.62
CA GLN A 10 13.32 11.93 20.42
C GLN A 10 12.16 12.35 19.53
N GLN A 11 12.47 13.06 18.44
CA GLN A 11 11.42 13.49 17.53
C GLN A 11 10.69 12.30 16.94
N LEU A 12 11.41 11.20 16.65
CA LEU A 12 10.77 10.00 16.15
C LEU A 12 9.89 9.35 17.22
N HIS A 13 10.32 9.39 18.47
CA HIS A 13 9.56 8.73 19.52
C HIS A 13 8.45 9.60 20.09
N ASP A 14 8.42 10.89 19.75
CA ASP A 14 7.29 11.75 20.09
C ASP A 14 6.07 11.33 19.26
N ALA A 15 4.94 11.98 19.51
CA ALA A 15 3.66 11.51 18.96
C ALA A 15 3.19 12.25 17.72
N SER A 16 3.94 13.23 17.22
CA SER A 16 3.52 13.98 16.04
C SER A 16 3.93 13.23 14.77
N GLU A 17 2.96 12.75 13.99
CA GLU A 17 3.31 11.99 12.80
C GLU A 17 4.09 12.85 11.81
N LYS A 18 3.70 14.10 11.62
CA LYS A 18 4.42 14.90 10.62
C LYS A 18 5.88 15.11 11.04
N LYS A 19 6.14 15.30 12.33
CA LYS A 19 7.53 15.44 12.78
C LYS A 19 8.26 14.10 12.78
N GLN A 20 7.55 12.98 12.95
CA GLN A 20 8.20 11.68 12.81
C GLN A 20 8.76 11.51 11.40
N LEU A 21 7.99 11.89 10.39
CA LEU A 21 8.39 11.61 9.01
C LEU A 21 9.65 12.39 8.64
N THR A 22 9.75 13.63 9.10
CA THR A 22 10.95 14.41 8.78
C THR A 22 12.16 13.88 9.54
N ALA A 23 11.94 13.42 10.77
CA ALA A 23 13.04 12.82 11.52
C ALA A 23 13.54 11.55 10.86
N ILE A 24 12.63 10.73 10.33
CA ILE A 24 13.02 9.47 9.69
C ILE A 24 13.92 9.75 8.50
N ALA A 25 13.52 10.69 7.65
CA ALA A 25 14.31 11.00 6.46
C ALA A 25 15.68 11.52 6.84
N ALA A 26 15.76 12.34 7.89
CA ALA A 26 17.05 12.86 8.31
C ALA A 26 17.91 11.74 8.88
N LEU A 27 17.32 10.86 9.69
CA LEU A 27 18.09 9.80 10.32
C LEU A 27 18.70 8.85 9.29
N ALA A 28 17.97 8.57 8.22
CA ALA A 28 18.43 7.61 7.23
C ALA A 28 19.68 8.08 6.50
N GLU A 29 19.90 9.38 6.45
CA GLU A 29 21.10 9.94 5.83
C GLU A 29 22.25 10.16 6.81
N MET A 30 22.15 9.64 8.03
CA MET A 30 23.17 9.84 9.04
C MET A 30 23.89 8.54 9.39
N GLY A 31 24.11 7.71 8.38
CA GLY A 31 24.98 6.55 8.52
C GLY A 31 24.56 5.62 9.63
N GLU A 32 25.57 4.98 10.22
CA GLU A 32 25.33 3.87 11.16
C GLU A 32 24.51 4.32 12.35
N GLY A 33 24.80 5.51 12.88
CA GLY A 33 24.06 5.98 14.05
C GLY A 33 22.60 6.21 13.76
N GLY A 34 22.29 6.94 12.70
CA GLY A 34 20.91 7.21 12.37
C GLY A 34 20.16 5.95 11.96
N GLN A 35 20.80 5.11 11.14
CA GLN A 35 20.18 3.87 10.71
C GLN A 35 19.96 2.93 11.88
N GLY A 36 20.86 2.93 12.87
CA GLY A 36 20.65 2.11 14.06
C GLY A 36 19.44 2.54 14.86
N ILE A 37 19.20 3.85 14.94
CA ILE A 37 18.01 4.35 15.61
C ILE A 37 16.75 3.86 14.89
N LEU A 38 16.76 3.91 13.56
CA LEU A 38 15.61 3.45 12.80
C LEU A 38 15.39 1.94 12.95
N LEU A 39 16.47 1.14 12.90
CA LEU A 39 16.32 -0.30 13.10
C LEU A 39 15.75 -0.63 14.48
N ASP A 40 16.19 0.09 15.51
CA ASP A 40 15.66 -0.17 16.85
C ASP A 40 14.17 0.17 16.91
N TYR A 41 13.78 1.27 16.28
CA TYR A 41 12.37 1.65 16.22
C TYR A 41 11.54 0.55 15.58
N LEU A 42 12.00 0.02 14.45
CA LEU A 42 11.30 -1.11 13.85
C LEU A 42 11.16 -2.25 14.83
N ALA A 43 12.25 -2.60 15.52
CA ALA A 43 12.24 -3.78 16.37
C ALA A 43 11.20 -3.67 17.47
N LYS A 44 10.92 -2.44 17.93
CA LYS A 44 9.97 -2.24 18.99
CA LYS A 44 9.96 -2.23 19.00
C LYS A 44 8.53 -2.11 18.50
N ASN A 45 8.32 -2.01 17.18
CA ASN A 45 6.99 -1.75 16.65
C ASN A 45 6.51 -2.76 15.62
N VAL A 46 7.27 -3.82 15.37
CA VAL A 46 6.95 -4.83 14.36
C VAL A 46 6.90 -6.18 15.06
N PRO A 47 5.95 -7.07 14.73
CA PRO A 47 4.90 -6.90 13.73
C PRO A 47 3.81 -5.91 14.13
N LEU A 48 3.26 -5.23 13.14
CA LEU A 48 2.15 -4.31 13.39
C LEU A 48 0.88 -5.08 13.72
N GLU A 49 0.04 -4.47 14.54
CA GLU A 49 -1.34 -4.93 14.65
C GLU A 49 -2.18 -4.04 13.75
N LYS A 50 -2.29 -2.77 14.09
CA LYS A 50 -2.93 -1.83 13.18
C LYS A 50 -1.89 -1.25 12.23
N PRO A 51 -2.24 -0.92 10.98
CA PRO A 51 -1.27 -0.23 10.12
C PRO A 51 -0.90 1.13 10.71
N VAL A 52 0.40 1.41 10.73
CA VAL A 52 0.95 2.67 11.23
C VAL A 52 1.89 3.20 10.16
N LEU A 53 1.57 4.38 9.60
CA LEU A 53 2.29 4.85 8.43
C LEU A 53 3.77 5.07 8.74
N ALA A 54 4.06 5.63 9.93
CA ALA A 54 5.45 5.86 10.29
C ALA A 54 6.27 4.58 10.27
N VAL A 55 5.69 3.47 10.72
CA VAL A 55 6.45 2.22 10.76
C VAL A 55 6.73 1.72 9.34
N GLY A 56 5.73 1.80 8.46
CA GLY A 56 5.99 1.48 7.05
C GLY A 56 7.07 2.36 6.46
N ASN A 57 7.04 3.65 6.79
CA ASN A 57 8.02 4.58 6.23
C ASN A 57 9.43 4.24 6.73
N VAL A 58 9.56 3.86 8.00
CA VAL A 58 10.88 3.46 8.50
C VAL A 58 11.40 2.24 7.75
N TYR A 59 10.58 1.20 7.69
CA TYR A 59 10.96 -0.01 6.97
C TYR A 59 11.34 0.31 5.53
N GLN A 60 10.49 1.05 4.83
CA GLN A 60 10.72 1.23 3.41
C GLN A 60 11.90 2.16 3.16
N THR A 61 12.08 3.15 4.03
CA THR A 61 13.23 4.03 3.89
C THR A 61 14.53 3.23 3.98
N LEU A 62 14.57 2.30 4.94
CA LEU A 62 15.75 1.46 5.11
C LEU A 62 15.94 0.52 3.91
N ARG A 63 14.85 -0.10 3.43
CA ARG A 63 14.97 -0.92 2.22
C ARG A 63 15.53 -0.10 1.06
N ASN A 64 15.04 1.14 0.91
CA ASN A 64 15.38 1.94 -0.25
C ASN A 64 16.84 2.36 -0.26
N LEU A 65 17.54 2.27 0.87
CA LEU A 65 18.98 2.51 0.86
C LEU A 65 19.70 1.51 -0.02
N GLU A 66 19.11 0.32 -0.16
CA GLU A 66 19.68 -0.78 -0.94
C GLU A 66 21.14 -1.05 -0.56
N GLN A 67 21.41 -1.09 0.74
CA GLN A 67 22.71 -1.44 1.29
C GLN A 67 22.69 -2.89 1.76
N GLU A 68 23.74 -3.64 1.43
CA GLU A 68 23.75 -5.08 1.67
C GLU A 68 23.38 -5.43 3.11
N THR A 69 24.08 -4.85 4.10
CA THR A 69 23.88 -5.32 5.47
C THR A 69 22.48 -4.99 5.98
N ILE A 70 21.97 -3.79 5.69
CA ILE A 70 20.62 -3.44 6.13
CA ILE A 70 20.63 -3.45 6.15
C ILE A 70 19.59 -4.32 5.46
N THR A 71 19.74 -4.55 4.16
CA THR A 71 18.79 -5.41 3.45
C THR A 71 18.80 -6.81 4.04
N THR A 72 19.99 -7.36 4.29
CA THR A 72 20.12 -8.68 4.90
C THR A 72 19.45 -8.72 6.27
N GLN A 73 19.70 -7.72 7.10
CA GLN A 73 19.10 -7.69 8.44
C GLN A 73 17.58 -7.62 8.36
N LEU A 74 17.06 -6.79 7.45
CA LEU A 74 15.61 -6.67 7.34
C LEU A 74 14.96 -7.97 6.89
N GLN A 75 15.61 -8.67 5.95
CA GLN A 75 15.07 -9.92 5.44
C GLN A 75 15.09 -11.00 6.51
N ARG A 76 16.17 -11.05 7.28
CA ARG A 76 16.29 -12.06 8.33
CA ARG A 76 16.27 -12.07 8.32
C ARG A 76 15.29 -11.82 9.46
N ASN A 77 15.12 -10.56 9.86
CA ASN A 77 14.28 -10.24 11.01
C ASN A 77 12.80 -10.10 10.64
N TYR A 78 12.49 -9.65 9.44
CA TYR A 78 11.13 -9.40 8.98
C TYR A 78 10.94 -10.11 7.65
N PRO A 79 11.05 -11.44 7.64
CA PRO A 79 11.02 -12.18 6.36
C PRO A 79 9.72 -12.04 5.62
N THR A 80 8.61 -11.77 6.31
CA THR A 80 7.33 -11.55 5.67
C THR A 80 6.91 -10.08 5.74
N GLY A 81 7.85 -9.19 6.01
CA GLY A 81 7.55 -7.77 6.12
C GLY A 81 7.06 -7.42 7.51
N ILE A 82 6.36 -6.28 7.59
CA ILE A 82 6.00 -5.70 8.87
C ILE A 82 4.53 -5.91 9.25
N PHE A 83 3.73 -6.51 8.37
CA PHE A 83 2.30 -6.59 8.59
C PHE A 83 1.84 -8.04 8.43
N PRO A 84 0.97 -8.53 9.32
CA PRO A 84 0.50 -9.93 9.20
C PRO A 84 -0.15 -10.19 7.85
N LEU A 85 0.24 -11.31 7.21
CA LEU A 85 -0.21 -11.63 5.87
C LEU A 85 -1.43 -12.55 5.94
N GLN A 86 -2.54 -11.99 6.42
CA GLN A 86 -3.70 -12.79 6.76
C GLN A 86 -4.71 -12.83 5.61
N SER A 87 -5.36 -13.99 5.48
CA SER A 87 -6.31 -14.27 4.40
C SER A 87 -7.41 -15.17 4.92
N ALA A 88 -8.66 -14.83 4.64
CA ALA A 88 -9.78 -15.69 4.97
C ALA A 88 -9.91 -16.86 4.01
N GLN A 89 -9.02 -16.97 3.02
CA GLN A 89 -9.01 -18.10 2.08
C GLN A 89 -7.62 -18.71 1.98
N GLY A 90 -6.76 -18.50 2.97
CA GLY A 90 -5.46 -19.15 2.99
C GLY A 90 -4.51 -18.70 1.91
N ILE A 91 -4.76 -17.55 1.29
CA ILE A 91 -3.95 -17.07 0.18
C ILE A 91 -2.58 -16.61 0.67
N ASP A 92 -1.57 -16.77 -0.21
CA ASP A 92 -0.19 -16.37 0.07
C ASP A 92 0.04 -14.96 -0.48
N TYR A 93 0.16 -13.99 0.42
CA TYR A 93 0.40 -12.61 0.02
C TYR A 93 1.88 -12.22 0.08
N LEU A 94 2.77 -13.16 0.34
CA LEU A 94 4.18 -12.78 0.42
C LEU A 94 4.69 -12.27 -0.93
N PRO A 95 4.35 -12.87 -2.07
CA PRO A 95 4.84 -12.29 -3.34
C PRO A 95 4.41 -10.84 -3.52
N LEU A 96 3.20 -10.48 -3.10
CA LEU A 96 2.78 -9.09 -3.14
C LEU A 96 3.65 -8.22 -2.23
N GLN A 97 3.90 -8.70 -1.01
CA GLN A 97 4.73 -7.93 -0.08
C GLN A 97 6.13 -7.74 -0.64
N GLU A 98 6.68 -8.78 -1.28
CA GLU A 98 8.04 -8.71 -1.79
C GLU A 98 8.14 -7.70 -2.93
N ALA A 99 7.14 -7.66 -3.80
CA ALA A 99 7.15 -6.67 -4.87
C ALA A 99 7.07 -5.25 -4.32
N LEU A 100 6.20 -5.05 -3.33
CA LEU A 100 6.06 -3.73 -2.72
C LEU A 100 7.30 -3.33 -1.94
N GLY A 101 7.92 -4.26 -1.20
CA GLY A 101 9.16 -3.95 -0.52
C GLY A 101 10.30 -3.58 -1.45
N SER A 102 10.28 -4.11 -2.68
CA SER A 102 11.22 -3.74 -3.72
C SER A 102 10.81 -2.47 -4.46
N GLN A 103 9.65 -1.89 -4.12
CA GLN A 103 9.09 -0.74 -4.82
C GLN A 103 8.84 -1.06 -6.30
N ASP A 104 8.56 -2.33 -6.60
CA ASP A 104 8.21 -2.77 -7.95
C ASP A 104 6.69 -2.72 -8.08
N PHE A 105 6.19 -1.49 -8.25
CA PHE A 105 4.75 -1.28 -8.17
C PHE A 105 4.02 -1.88 -9.37
N GLU A 106 4.67 -1.97 -10.52
CA GLU A 106 3.99 -2.60 -11.66
C GLU A 106 3.73 -4.08 -11.38
N THR A 107 4.75 -4.79 -10.91
CA THR A 107 4.58 -6.18 -10.50
C THR A 107 3.53 -6.32 -9.40
N ALA A 108 3.58 -5.42 -8.40
CA ALA A 108 2.60 -5.47 -7.32
C ALA A 108 1.19 -5.27 -7.85
N ASP A 109 1.02 -4.39 -8.83
CA ASP A 109 -0.28 -4.19 -9.43
C ASP A 109 -0.77 -5.44 -10.15
N GLU A 110 0.13 -6.10 -10.87
CA GLU A 110 -0.22 -7.34 -11.55
C GLU A 110 -0.61 -8.41 -10.55
N ILE A 111 0.18 -8.56 -9.48
CA ILE A 111 -0.11 -9.58 -8.47
C ILE A 111 -1.46 -9.30 -7.81
N THR A 112 -1.71 -8.04 -7.49
CA THR A 112 -2.95 -7.68 -6.82
C THR A 112 -4.16 -8.05 -7.66
N ARG A 113 -4.11 -7.76 -8.97
CA ARG A 113 -5.18 -8.17 -9.86
C ARG A 113 -5.37 -9.69 -9.86
N ASP A 114 -4.26 -10.43 -9.93
CA ASP A 114 -4.34 -11.89 -9.92
C ASP A 114 -4.93 -12.41 -8.61
N LYS A 115 -4.58 -11.77 -7.48
CA LYS A 115 -5.06 -12.24 -6.19
C LYS A 115 -6.55 -11.96 -6.01
N LEU A 116 -7.02 -10.83 -6.51
CA LEU A 116 -8.45 -10.52 -6.40
C LEU A 116 -9.29 -11.51 -7.18
N CYS A 117 -8.80 -11.93 -8.36
CA CYS A 117 -9.48 -13.00 -9.08
C CYS A 117 -9.43 -14.32 -8.30
N GLU A 118 -8.26 -14.65 -7.74
CA GLU A 118 -8.14 -15.88 -6.95
C GLU A 118 -9.09 -15.85 -5.76
N LEU A 119 -9.23 -14.67 -5.14
CA LEU A 119 -10.15 -14.52 -4.02
C LEU A 119 -11.60 -14.70 -4.44
N ALA A 120 -11.95 -14.24 -5.65
CA ALA A 120 -13.32 -14.36 -6.14
C ALA A 120 -13.69 -15.81 -6.46
N GLY A 121 -12.71 -16.64 -6.82
CA GLY A 121 -12.95 -18.03 -7.12
C GLY A 121 -12.57 -18.45 -8.53
N PRO A 122 -12.86 -19.71 -8.88
CA PRO A 122 -12.40 -20.26 -10.17
C PRO A 122 -12.99 -19.55 -11.38
N GLY A 123 -14.25 -19.13 -11.30
CA GLY A 123 -14.85 -18.41 -12.41
C GLY A 123 -14.08 -17.15 -12.74
N ALA A 124 -13.81 -16.33 -11.74
CA ALA A 124 -13.06 -15.11 -11.97
C ALA A 124 -11.63 -15.42 -12.40
N SER A 125 -11.01 -16.44 -11.79
CA SER A 125 -9.65 -16.81 -12.18
C SER A 125 -9.60 -17.26 -13.64
N GLN A 126 -10.59 -18.06 -14.05
CA GLN A 126 -10.66 -18.52 -15.44
C GLN A 126 -10.89 -17.35 -16.40
N ARG A 127 -11.89 -16.50 -16.12
CA ARG A 127 -12.17 -15.41 -17.04
C ARG A 127 -11.20 -14.25 -16.89
N GLN A 128 -10.52 -14.14 -15.73
CA GLN A 128 -9.51 -13.11 -15.46
C GLN A 128 -10.12 -11.71 -15.43
N TRP A 129 -11.35 -11.62 -14.95
CA TRP A 129 -11.93 -10.33 -14.58
C TRP A 129 -13.11 -10.60 -13.66
N LEU A 130 -13.56 -9.56 -12.96
CA LEU A 130 -14.48 -9.66 -11.86
C LEU A 130 -15.88 -9.16 -12.20
N TYR A 131 -16.87 -9.78 -11.56
CA TYR A 131 -18.23 -9.25 -11.47
C TYR A 131 -18.34 -8.41 -10.19
N PHE A 132 -19.17 -7.36 -10.25
CA PHE A 132 -19.29 -6.50 -9.08
C PHE A 132 -19.83 -7.25 -7.87
N THR A 133 -20.67 -8.26 -8.09
CA THR A 133 -21.19 -9.03 -6.96
C THR A 133 -20.09 -9.86 -6.29
N GLU A 134 -19.10 -10.32 -7.04
CA GLU A 134 -17.98 -11.02 -6.43
C GLU A 134 -17.19 -10.08 -5.53
N VAL A 135 -17.05 -8.82 -5.95
CA VAL A 135 -16.36 -7.84 -5.13
C VAL A 135 -17.13 -7.59 -3.84
N GLU A 136 -18.46 -7.50 -3.93
CA GLU A 136 -19.26 -7.19 -2.75
C GLU A 136 -19.10 -8.28 -1.69
N LYS A 137 -18.81 -9.50 -2.11
CA LYS A 137 -18.71 -10.65 -1.21
C LYS A 137 -17.28 -11.00 -0.83
N PHE A 138 -16.29 -10.23 -1.27
CA PHE A 138 -14.92 -10.43 -0.82
C PHE A 138 -14.88 -10.45 0.70
N PRO A 139 -14.03 -11.29 1.31
CA PRO A 139 -13.83 -11.18 2.76
C PRO A 139 -13.09 -9.89 3.08
N ALA A 140 -13.53 -9.22 4.14
CA ALA A 140 -12.90 -7.97 4.53
C ALA A 140 -11.43 -8.18 4.89
N LEU A 141 -11.10 -9.31 5.49
CA LEU A 141 -9.73 -9.53 5.98
C LEU A 141 -8.71 -9.44 4.85
N ASP A 142 -8.99 -10.11 3.72
CA ASP A 142 -8.07 -10.07 2.59
C ASP A 142 -7.91 -8.67 2.03
N LEU A 143 -9.01 -7.93 1.88
CA LEU A 143 -8.91 -6.57 1.37
C LEU A 143 -8.09 -5.70 2.31
N HIS A 144 -8.21 -5.94 3.61
CA HIS A 144 -7.42 -5.20 4.59
C HIS A 144 -5.94 -5.48 4.43
N THR A 145 -5.57 -6.76 4.31
CA THR A 145 -4.16 -7.11 4.12
C THR A 145 -3.61 -6.49 2.83
N ILE A 146 -4.34 -6.66 1.74
CA ILE A 146 -3.88 -6.12 0.45
C ILE A 146 -3.72 -4.62 0.54
N ASN A 147 -4.73 -3.94 1.07
CA ASN A 147 -4.66 -2.49 1.16
C ASN A 147 -3.55 -2.04 2.11
N ALA A 148 -3.44 -2.70 3.27
CA ALA A 148 -2.40 -2.33 4.23
C ALA A 148 -1.02 -2.37 3.58
N LEU A 149 -0.75 -3.43 2.81
CA LEU A 149 0.55 -3.54 2.15
C LEU A 149 0.78 -2.38 1.18
N TRP A 150 -0.23 -2.08 0.34
CA TRP A 150 -0.07 -0.98 -0.61
C TRP A 150 0.20 0.32 0.11
N TRP A 151 -0.53 0.56 1.20
CA TRP A 151 -0.46 1.83 1.91
C TRP A 151 0.86 1.95 2.69
N LEU A 152 1.26 0.89 3.38
CA LEU A 152 2.49 0.94 4.19
C LEU A 152 3.74 1.09 3.34
N HIS A 153 3.73 0.56 2.11
CA HIS A 153 4.90 0.57 1.24
C HIS A 153 4.88 1.70 0.22
N SER A 154 3.94 2.64 0.35
CA SER A 154 3.83 3.79 -0.54
C SER A 154 3.72 5.10 0.23
N ASN A 155 4.07 5.10 1.51
CA ASN A 155 3.94 6.29 2.36
C ASN A 155 2.50 6.83 2.34
N GLY A 156 1.53 5.91 2.29
CA GLY A 156 0.13 6.27 2.31
C GLY A 156 -0.43 6.79 1.01
N ASN A 157 0.34 6.73 -0.08
CA ASN A 157 -0.04 7.33 -1.35
CA ASN A 157 -0.07 7.33 -1.33
C ASN A 157 -0.87 6.39 -2.22
N PHE A 158 -0.66 5.08 -2.09
CA PHE A 158 -1.35 4.08 -2.89
C PHE A 158 -2.29 3.26 -2.01
N GLY A 159 -3.28 2.66 -2.66
CA GLY A 159 -4.25 1.80 -1.99
C GLY A 159 -5.67 2.14 -2.35
N PHE A 160 -6.53 1.11 -2.30
CA PHE A 160 -7.95 1.33 -2.54
C PHE A 160 -8.56 2.28 -1.52
N SER A 161 -8.08 2.26 -0.27
CA SER A 161 -8.58 3.19 0.73
C SER A 161 -8.33 4.64 0.32
N VAL A 162 -7.20 4.88 -0.34
CA VAL A 162 -6.83 6.23 -0.75
C VAL A 162 -7.77 6.68 -1.87
N GLN A 163 -8.00 5.79 -2.84
CA GLN A 163 -8.95 6.07 -3.90
C GLN A 163 -10.33 6.34 -3.35
N ARG A 164 -10.78 5.50 -2.42
CA ARG A 164 -12.11 5.68 -1.83
C ARG A 164 -12.28 7.08 -1.23
N ARG A 165 -11.29 7.54 -0.46
CA ARG A 165 -11.44 8.85 0.16
C ARG A 165 -11.39 9.96 -0.87
N LEU A 166 -10.60 9.80 -1.93
CA LEU A 166 -10.63 10.79 -3.00
C LEU A 166 -11.98 10.76 -3.74
N TRP A 167 -12.56 9.57 -3.90
CA TRP A 167 -13.88 9.43 -4.51
C TRP A 167 -14.94 10.11 -3.66
N LEU A 168 -14.90 9.91 -2.35
CA LEU A 168 -15.79 10.64 -1.45
C LEU A 168 -15.55 12.14 -1.55
N ALA A 169 -14.29 12.56 -1.66
CA ALA A 169 -14.01 13.97 -1.78
C ALA A 169 -14.54 14.55 -3.08
N SER A 170 -14.74 13.70 -4.10
CA SER A 170 -15.30 14.10 -5.38
CA SER A 170 -15.31 14.15 -5.36
C SER A 170 -16.82 14.00 -5.41
N GLY A 171 -17.48 13.91 -4.26
CA GLY A 171 -18.91 13.72 -4.25
C GLY A 171 -19.34 12.43 -4.92
N LYS A 172 -18.47 11.42 -4.92
CA LYS A 172 -18.72 10.11 -5.53
C LYS A 172 -18.88 10.20 -7.05
N GLU A 173 -18.37 11.26 -7.67
CA GLU A 173 -18.43 11.43 -9.12
C GLU A 173 -17.20 10.81 -9.75
N PHE A 174 -17.35 9.67 -10.40
CA PHE A 174 -16.19 8.98 -10.94
C PHE A 174 -15.48 9.80 -12.00
N THR A 175 -16.23 10.59 -12.78
CA THR A 175 -15.60 11.42 -13.81
C THR A 175 -14.68 12.47 -13.22
N LYS A 176 -14.90 12.85 -11.95
CA LYS A 176 -13.96 13.71 -11.25
C LYS A 176 -12.83 12.95 -10.59
N LEU A 177 -13.02 11.65 -10.32
CA LEU A 177 -11.97 10.86 -9.70
C LEU A 177 -10.85 10.53 -10.68
N TRP A 178 -11.19 10.15 -11.91
CA TRP A 178 -10.14 9.69 -12.83
C TRP A 178 -9.04 10.71 -13.01
N PRO A 179 -9.33 11.99 -13.30
CA PRO A 179 -8.25 12.96 -13.45
C PRO A 179 -7.45 13.14 -12.18
N LYS A 180 -8.10 13.03 -11.01
CA LYS A 180 -7.41 13.27 -9.76
C LYS A 180 -6.31 12.24 -9.54
N ILE A 181 -6.59 10.98 -9.87
CA ILE A 181 -5.63 9.90 -9.64
C ILE A 181 -4.86 9.53 -10.90
N GLY A 182 -5.01 10.31 -11.98
CA GLY A 182 -4.16 10.16 -13.16
C GLY A 182 -4.60 9.12 -14.14
N TRP A 183 -5.84 8.66 -14.08
CA TRP A 183 -6.32 7.63 -14.99
C TRP A 183 -6.96 8.20 -16.24
N LYS A 184 -7.25 9.50 -16.25
CA LYS A 184 -7.69 10.18 -17.46
C LYS A 184 -7.05 11.56 -17.44
N SER A 185 -6.74 12.06 -18.63
CA SER A 185 -6.21 13.42 -18.80
C SER A 185 -7.12 14.11 -19.81
N GLY A 186 -8.02 14.95 -19.31
CA GLY A 186 -9.03 15.51 -20.20
C GLY A 186 -9.83 14.39 -20.84
N ASN A 187 -9.82 14.37 -22.17
CA ASN A 187 -10.53 13.35 -22.95
C ASN A 187 -9.76 12.05 -23.09
N VAL A 188 -8.52 12.00 -22.62
CA VAL A 188 -7.60 10.91 -22.93
C VAL A 188 -7.57 9.93 -21.77
N TRP A 189 -7.96 8.69 -22.02
CA TRP A 189 -7.79 7.64 -21.04
C TRP A 189 -6.33 7.21 -20.98
N THR A 190 -5.81 7.04 -19.79
CA THR A 190 -4.43 6.60 -19.65
C THR A 190 -4.31 5.17 -20.16
N ARG A 191 -3.35 4.95 -21.09
CA ARG A 191 -3.24 3.67 -21.79
C ARG A 191 -2.50 2.65 -20.92
N TRP A 192 -3.12 1.48 -20.74
CA TRP A 192 -2.48 0.43 -19.94
C TRP A 192 -1.58 -0.43 -20.83
N PRO A 193 -0.36 -0.79 -20.39
CA PRO A 193 0.30 -0.40 -19.14
C PRO A 193 1.22 0.81 -19.24
N LYS A 194 1.61 1.19 -20.46
CA LYS A 194 2.75 2.09 -20.60
C LYS A 194 2.44 3.53 -20.19
N GLY A 195 1.17 3.93 -20.20
CA GLY A 195 0.85 5.30 -19.82
C GLY A 195 0.85 5.55 -18.33
N PHE A 196 0.89 4.50 -17.53
CA PHE A 196 0.80 4.66 -16.09
C PHE A 196 2.18 4.92 -15.50
N THR A 197 2.17 5.46 -14.28
CA THR A 197 3.37 5.93 -13.58
C THR A 197 3.64 4.95 -12.46
N TRP A 198 4.63 4.08 -12.66
CA TRP A 198 4.88 2.97 -11.76
C TRP A 198 5.87 3.32 -10.66
N ASP A 199 5.75 4.50 -10.05
CA ASP A 199 6.65 4.92 -8.98
C ASP A 199 5.94 5.99 -8.15
N LEU A 200 6.57 6.38 -7.04
CA LEU A 200 5.94 7.28 -6.09
C LEU A 200 5.84 8.73 -6.57
N SER A 201 6.34 9.05 -7.76
CA SER A 201 6.01 10.36 -8.31
C SER A 201 4.57 10.41 -8.81
N ALA A 202 3.90 9.26 -8.87
CA ALA A 202 2.53 9.19 -9.32
C ALA A 202 1.61 9.96 -8.37
N PRO A 203 0.46 10.41 -8.86
CA PRO A 203 -0.49 11.09 -7.97
C PRO A 203 -1.03 10.16 -6.88
N GLN A 204 -1.45 10.78 -5.78
CA GLN A 204 -2.10 10.02 -4.72
C GLN A 204 -3.26 9.23 -5.28
N GLY A 205 -3.32 7.94 -4.94
CA GLY A 205 -4.37 7.07 -5.40
C GLY A 205 -4.18 6.44 -6.77
N HIS A 206 -3.01 6.66 -7.41
CA HIS A 206 -2.77 6.17 -8.77
C HIS A 206 -2.86 4.65 -8.87
N LEU A 207 -2.52 3.94 -7.81
CA LEU A 207 -2.49 2.48 -7.78
C LEU A 207 -3.16 1.97 -6.53
N PRO A 208 -3.70 0.73 -6.55
CA PRO A 208 -3.71 -0.22 -7.68
C PRO A 208 -4.74 0.15 -8.74
N LEU A 209 -4.59 -0.39 -9.95
CA LEU A 209 -5.48 -0.06 -11.05
C LEU A 209 -6.79 -0.86 -11.01
N LEU A 210 -7.85 -0.21 -11.49
CA LEU A 210 -9.16 -0.84 -11.70
C LEU A 210 -9.60 -0.50 -13.14
N ASN A 211 -9.39 -1.43 -14.06
CA ASN A 211 -9.73 -1.22 -15.46
C ASN A 211 -11.18 -0.78 -15.57
N GLN A 212 -11.42 0.21 -16.44
CA GLN A 212 -12.78 0.71 -16.65
C GLN A 212 -13.42 0.18 -17.92
N LEU A 213 -12.77 -0.77 -18.58
CA LEU A 213 -13.31 -1.36 -19.81
C LEU A 213 -14.70 -1.92 -19.61
N ARG A 214 -15.00 -2.43 -18.42
CA ARG A 214 -16.31 -3.01 -18.12
C ARG A 214 -17.11 -2.13 -17.17
N GLY A 215 -16.82 -0.84 -17.14
CA GLY A 215 -17.60 0.10 -16.35
C GLY A 215 -17.12 0.19 -14.93
N VAL A 216 -17.80 1.07 -14.18
CA VAL A 216 -17.41 1.44 -12.82
C VAL A 216 -17.95 0.51 -11.76
N ARG A 217 -18.78 -0.48 -12.13
CA ARG A 217 -19.50 -1.24 -11.11
C ARG A 217 -18.56 -1.92 -10.12
N VAL A 218 -17.48 -2.51 -10.63
CA VAL A 218 -16.51 -3.17 -9.74
C VAL A 218 -15.87 -2.16 -8.79
N ALA A 219 -15.42 -1.02 -9.32
CA ALA A 219 -14.80 -0.02 -8.45
C ALA A 219 -15.77 0.48 -7.38
N GLU A 220 -17.01 0.77 -7.77
CA GLU A 220 -17.98 1.26 -6.78
C GLU A 220 -18.25 0.21 -5.71
N SER A 221 -18.43 -1.05 -6.11
CA SER A 221 -18.64 -2.10 -5.11
C SER A 221 -17.45 -2.19 -4.17
N LEU A 222 -16.25 -2.01 -4.69
CA LEU A 222 -15.04 -2.09 -3.87
C LEU A 222 -14.99 -0.92 -2.88
N TYR A 223 -15.24 0.30 -3.36
CA TYR A 223 -15.18 1.45 -2.47
C TYR A 223 -16.29 1.44 -1.43
N ARG A 224 -17.44 0.82 -1.72
CA ARG A 224 -18.53 0.71 -0.75
C ARG A 224 -18.41 -0.51 0.15
N HIS A 225 -17.40 -1.34 -0.05
CA HIS A 225 -17.28 -2.57 0.74
C HIS A 225 -17.12 -2.23 2.23
N PRO A 226 -17.68 -3.04 3.13
CA PRO A 226 -17.62 -2.69 4.57
C PRO A 226 -16.22 -2.71 5.18
N VAL A 227 -15.22 -3.27 4.50
CA VAL A 227 -13.88 -3.36 5.07
C VAL A 227 -13.37 -1.99 5.50
N TRP A 228 -13.65 -0.94 4.73
CA TRP A 228 -12.99 0.34 5.00
C TRP A 228 -13.45 0.91 6.34
N SER A 229 -14.75 0.92 6.59
CA SER A 229 -15.25 1.39 7.88
CA SER A 229 -15.23 1.39 7.89
CA SER A 229 -15.28 1.44 7.96
C SER A 229 -14.87 0.42 9.00
N GLN A 230 -14.87 -0.89 8.71
CA GLN A 230 -14.61 -1.88 9.76
C GLN A 230 -13.20 -1.75 10.33
N TYR A 231 -12.22 -1.45 9.48
CA TYR A 231 -10.82 -1.40 9.88
C TYR A 231 -10.31 0.02 10.01
N GLY A 232 -11.19 1.02 9.95
CA GLY A 232 -10.80 2.39 10.17
C GLY A 232 -9.97 3.00 9.06
N TRP A 233 -10.21 2.60 7.81
CA TRP A 233 -9.54 3.20 6.67
C TRP A 233 -10.25 4.45 6.18
CHA UPB B . -6.69 -3.73 -20.29
NA UPB B . -6.73 -1.74 -18.73
C1A UPB B . -6.44 -3.16 -19.13
C2A UPB B . -5.77 -3.78 -17.92
C3A UPB B . -5.69 -2.80 -16.84
C4A UPB B . -6.29 -1.53 -17.34
CMA UPB B . -5.10 -2.99 -15.44
CAA UPB B . -5.30 -5.23 -17.85
CBA UPB B . -6.31 -6.01 -17.00
CGA UPB B . -7.60 -6.25 -17.78
O1A UPB B . -7.54 -6.63 -18.98
O2A UPB B . -8.73 -6.08 -17.23
CHB UPB B . -6.41 -0.24 -16.55
NB UPB B . -7.02 1.14 -18.60
C1B UPB B . -6.89 0.85 -17.11
C2B UPB B . -7.45 2.03 -16.40
C3B UPB B . -7.88 3.00 -17.35
C4B UPB B . -7.64 2.52 -18.73
CMB UPB B . -7.50 2.13 -14.88
OB UPB B . -7.89 3.09 -19.75
CAB UPB B . -8.50 4.36 -17.03
CBB UPB B . -9.40 4.47 -16.08
NC UPB B . -9.85 0.37 -20.58
C1C UPB B . -10.39 1.55 -19.94
C2C UPB B . -10.69 2.58 -21.00
C3C UPB B . -10.34 1.97 -22.32
C4C UPB B . -9.77 0.55 -22.02
CMC UPB B . -12.19 2.92 -20.93
OC UPB B . -10.56 1.67 -18.77
CAC UPB B . -10.70 2.50 -23.49
CBC UPB B . -10.15 2.00 -24.82
CHD UPB B . -9.37 -0.34 -22.90
ND UPB B . -8.07 -1.75 -21.42
C1D UPB B . -8.70 -1.69 -22.63
C2D UPB B . -8.52 -2.87 -23.26
C3D UPB B . -7.79 -3.67 -22.49
C4D UPB B . -7.51 -2.99 -21.34
CMD UPB B . -9.04 -3.30 -24.65
CAD UPB B . -7.46 -5.09 -22.98
CBD UPB B . -8.58 -6.04 -22.60
CGD UPB B . -8.27 -7.44 -23.12
O1D UPB B . -7.45 -7.61 -24.07
O2D UPB B . -8.84 -8.43 -22.59
C1 GOL C . -6.34 1.30 8.96
O1 GOL C . -6.56 0.30 9.91
C2 GOL C . -5.90 2.60 9.72
O2 GOL C . -5.00 2.31 10.74
C3 GOL C . -5.26 3.49 8.63
O3 GOL C . -5.54 4.82 8.96
C1 GOL D . 11.04 8.23 1.36
C1 GOL D . 12.80 6.50 0.69
C1 GOL D . 10.09 5.66 1.48
O1 GOL D . 9.86 8.37 2.11
O1 GOL D . 13.92 7.26 1.07
O1 GOL D . 9.67 5.62 0.14
C2 GOL D . 11.63 6.85 1.71
C2 GOL D . 11.58 6.89 1.61
C2 GOL D . 11.34 6.59 1.58
O2 GOL D . 10.66 5.85 1.67
O2 GOL D . 11.03 8.11 1.26
O2 GOL D . 12.37 6.22 0.70
C3 GOL D . 12.79 6.60 0.67
C3 GOL D . 10.56 5.71 1.48
C3 GOL D . 10.80 8.03 1.30
O3 GOL D . 13.94 7.27 1.11
O3 GOL D . 9.89 5.84 0.24
O3 GOL D . 9.73 8.26 2.18
C TRS E . 22.22 -5.03 15.53
C1 TRS E . 22.00 -4.26 14.24
C2 TRS E . 22.81 -6.38 15.11
C3 TRS E . 20.91 -5.19 16.28
N TRS E . 23.21 -4.28 16.33
O1 TRS E . 21.38 -3.03 14.53
O2 TRS E . 22.70 -7.35 16.11
O3 TRS E . 20.38 -3.95 16.66
CL CL F . -19.35 -5.86 -13.11
#